data_7R3Z
#
_entry.id   7R3Z
#
_cell.length_a   91.960
_cell.length_b   97.490
_cell.length_c   117.900
_cell.angle_alpha   90.000
_cell.angle_beta   90.000
_cell.angle_gamma   90.000
#
_symmetry.space_group_name_H-M   'C 2 2 21'
#
loop_
_entity.id
_entity.type
_entity.pdbx_description
1 polymer 'Poly [ADP-ribose] polymerase tankyrase-2'
2 polymer 'Poly [ADP-ribose] polymerase tankyrase-2'
3 non-polymer 6-methyl-[1,2,4]triazolo[3,4-b][1,3]benzothiazole
4 non-polymer 'SULFATE ION'
5 non-polymer 'ZINC ION'
6 non-polymer GLYCEROL
7 water water
#
loop_
_entity_poly.entity_id
_entity_poly.type
_entity_poly.pdbx_seq_one_letter_code
_entity_poly.pdbx_strand_id
1 'polypeptide(L)'
;SMLNTSGSGTILIDLSPDDKEFQSVEEEMQSTVREHRDGGHAGGIFNRYNILKIQKVCNKKLWERYTHRRKEVSEENHNH
ANERMLFHGSPFVNAIIHKGFDERHAYIGGMFGAGIYFAENSSKSNQYVYGIGGGTGCPVHKDRSCYICHRQLLFCRVTL
GKSFLQFSAMK
;
A,C
2 'polypeptide(L)' MAHSPPGHHSVTGRPSVNGLALAEYVIYRGEQAYPEYLITYQIMRPEG B,D
#
loop_
_chem_comp.id
_chem_comp.type
_chem_comp.name
_chem_comp.formula
GOL non-polymer GLYCEROL 'C3 H8 O3'
I1Q non-polymer 6-methyl-[1,2,4]triazolo[3,4-b][1,3]benzothiazole 'C9 H7 N3 S'
SO4 non-polymer 'SULFATE ION' 'O4 S -2'
ZN non-polymer 'ZINC ION' 'Zn 2'
#
# COMPACT_ATOMS: atom_id res chain seq x y z
N GLY A 9 -33.81 -8.28 -13.85
CA GLY A 9 -34.61 -7.23 -14.52
C GLY A 9 -33.74 -6.14 -15.15
N THR A 10 -32.46 -6.39 -15.43
CA THR A 10 -31.54 -5.32 -15.92
C THR A 10 -31.67 -5.21 -17.44
N ILE A 11 -31.69 -3.98 -17.95
CA ILE A 11 -31.49 -3.72 -19.40
C ILE A 11 -30.33 -2.73 -19.57
N LEU A 12 -29.51 -2.95 -20.61
CA LEU A 12 -28.36 -2.07 -20.99
C LEU A 12 -28.76 -1.24 -22.20
N ILE A 13 -28.84 0.08 -22.03
CA ILE A 13 -29.10 1.06 -23.12
C ILE A 13 -27.77 1.60 -23.62
N ASP A 14 -27.46 1.33 -24.88
CA ASP A 14 -26.24 1.77 -25.58
C ASP A 14 -26.35 3.28 -25.84
N LEU A 15 -25.36 4.06 -25.40
CA LEU A 15 -25.34 5.54 -25.55
C LEU A 15 -24.59 5.87 -26.83
N SER A 16 -25.11 6.81 -27.60
CA SER A 16 -24.47 7.32 -28.84
C SER A 16 -23.23 8.11 -28.44
N PRO A 17 -22.08 7.91 -29.13
CA PRO A 17 -20.92 8.79 -28.96
C PRO A 17 -21.21 10.30 -29.08
N ASP A 18 -22.26 10.65 -29.83
CA ASP A 18 -22.75 12.05 -30.05
C ASP A 18 -23.56 12.56 -28.85
N ASP A 19 -23.96 11.66 -27.94
CA ASP A 19 -24.73 11.98 -26.70
C ASP A 19 -23.77 12.61 -25.69
N LYS A 20 -24.15 13.75 -25.11
CA LYS A 20 -23.35 14.56 -24.15
C LYS A 20 -23.04 13.72 -22.90
N GLU A 21 -23.96 12.81 -22.56
CA GLU A 21 -23.89 11.87 -21.43
C GLU A 21 -22.75 10.88 -21.67
N PHE A 22 -22.67 10.30 -22.87
CA PHE A 22 -21.52 9.46 -23.30
C PHE A 22 -20.26 10.30 -23.12
N GLN A 23 -20.30 11.52 -23.65
CA GLN A 23 -19.09 12.38 -23.76
C GLN A 23 -18.54 12.70 -22.37
N SER A 24 -19.39 12.99 -21.39
CA SER A 24 -18.93 13.45 -20.06
C SER A 24 -18.47 12.23 -19.23
N VAL A 25 -19.04 11.05 -19.49
CA VAL A 25 -18.55 9.75 -18.90
C VAL A 25 -17.21 9.38 -19.54
N GLU A 26 -17.08 9.46 -20.86
CA GLU A 26 -15.74 9.25 -21.48
C GLU A 26 -14.70 10.22 -20.88
N GLU A 27 -15.07 11.48 -20.65
CA GLU A 27 -14.12 12.52 -20.15
C GLU A 27 -13.64 12.19 -18.72
N GLU A 28 -14.50 11.67 -17.85
CA GLU A 28 -14.17 11.25 -16.47
C GLU A 28 -13.27 10.01 -16.53
N MET A 29 -13.53 9.10 -17.45
CA MET A 29 -12.67 7.92 -17.72
C MET A 29 -11.25 8.41 -18.12
N GLN A 30 -11.15 9.26 -19.13
CA GLN A 30 -9.86 9.66 -19.77
C GLN A 30 -9.06 10.59 -18.85
N SER A 31 -9.72 11.50 -18.13
CA SER A 31 -9.04 12.62 -17.43
C SER A 31 -8.52 12.16 -16.07
N THR A 32 -8.95 11.00 -15.57
CA THR A 32 -8.57 10.43 -14.26
C THR A 32 -7.62 9.26 -14.42
N VAL A 33 -6.96 9.12 -15.57
CA VAL A 33 -5.77 8.22 -15.71
C VAL A 33 -4.56 8.86 -15.01
N ARG A 34 -3.83 8.07 -14.24
CA ARG A 34 -2.58 8.50 -13.59
C ARG A 34 -1.55 7.39 -13.80
N GLU A 35 -0.32 7.67 -13.43
CA GLU A 35 0.78 6.67 -13.36
C GLU A 35 0.65 5.94 -12.03
N HIS A 36 1.05 4.68 -12.02
CA HIS A 36 0.91 3.80 -10.84
C HIS A 36 2.30 3.39 -10.36
N ARG A 37 2.45 3.26 -9.04
CA ARG A 37 3.78 3.05 -8.40
C ARG A 37 4.32 1.69 -8.85
N ASP A 38 3.45 0.80 -9.36
CA ASP A 38 3.83 -0.54 -9.85
C ASP A 38 4.35 -0.48 -11.29
N GLY A 39 4.49 0.72 -11.86
CA GLY A 39 4.97 0.97 -13.23
C GLY A 39 4.13 0.24 -14.28
N GLY A 40 2.91 -0.19 -13.95
CA GLY A 40 2.00 -0.85 -14.91
C GLY A 40 1.84 -2.35 -14.69
N HIS A 41 2.53 -2.93 -13.70
CA HIS A 41 2.49 -4.39 -13.40
C HIS A 41 1.04 -4.92 -13.37
N ALA A 42 0.14 -4.29 -12.60
CA ALA A 42 -1.22 -4.79 -12.32
C ALA A 42 -2.19 -4.49 -13.48
N GLY A 43 -2.17 -3.27 -14.03
CA GLY A 43 -3.21 -2.80 -14.95
C GLY A 43 -2.70 -2.45 -16.33
N GLY A 44 -1.38 -2.47 -16.54
CA GLY A 44 -0.76 -2.29 -17.86
C GLY A 44 -0.16 -0.91 -18.03
N ILE A 45 0.60 -0.73 -19.11
CA ILE A 45 1.23 0.57 -19.50
C ILE A 45 0.35 1.24 -20.57
N PHE A 46 -0.15 2.44 -20.23
CA PHE A 46 -1.05 3.27 -21.05
C PHE A 46 -1.23 4.64 -20.41
N ASN A 47 -1.56 5.66 -21.19
CA ASN A 47 -1.87 7.04 -20.72
C ASN A 47 -3.32 7.36 -21.01
N ARG A 48 -4.00 6.53 -21.81
CA ARG A 48 -5.42 6.76 -22.19
C ARG A 48 -6.04 5.47 -22.72
N TYR A 49 -7.35 5.51 -22.94
CA TYR A 49 -8.18 4.37 -23.37
C TYR A 49 -8.76 4.62 -24.75
N ASN A 50 -8.99 3.53 -25.48
CA ASN A 50 -9.98 3.43 -26.58
C ASN A 50 -11.34 3.01 -25.97
N ILE A 51 -12.25 3.96 -25.76
CA ILE A 51 -13.64 3.65 -25.33
C ILE A 51 -14.37 3.00 -26.50
N LEU A 52 -14.84 1.76 -26.32
CA LEU A 52 -15.54 0.98 -27.37
C LEU A 52 -17.05 1.16 -27.22
N LYS A 53 -17.55 1.25 -26.00
CA LYS A 53 -19.02 1.29 -25.75
C LYS A 53 -19.30 1.81 -24.34
N ILE A 54 -20.34 2.63 -24.21
CA ILE A 54 -20.88 3.04 -22.89
C ILE A 54 -22.37 2.77 -22.84
N GLN A 55 -22.78 1.87 -21.93
CA GLN A 55 -24.18 1.47 -21.68
C GLN A 55 -24.67 2.01 -20.33
N LYS A 56 -25.85 2.61 -20.32
CA LYS A 56 -26.58 2.97 -19.08
C LYS A 56 -27.23 1.69 -18.52
N VAL A 57 -26.98 1.36 -17.26
CA VAL A 57 -27.59 0.19 -16.58
C VAL A 57 -28.92 0.63 -15.96
N CYS A 58 -30.02 -0.03 -16.31
CA CYS A 58 -31.40 0.27 -15.83
CA CYS A 58 -31.40 0.27 -15.82
C CYS A 58 -31.97 -0.97 -15.13
N ASN A 59 -32.10 -0.91 -13.81
CA ASN A 59 -32.80 -1.96 -13.02
C ASN A 59 -33.68 -1.27 -11.97
N LYS A 60 -34.99 -1.34 -12.13
CA LYS A 60 -35.98 -0.74 -11.20
C LYS A 60 -35.66 -1.17 -9.76
N LYS A 61 -35.57 -2.48 -9.49
CA LYS A 61 -35.43 -3.00 -8.11
C LYS A 61 -34.11 -2.52 -7.50
N LEU A 62 -32.99 -2.57 -8.24
CA LEU A 62 -31.67 -2.22 -7.67
C LEU A 62 -31.62 -0.71 -7.43
N TRP A 63 -32.29 0.08 -8.26
CA TRP A 63 -32.39 1.55 -8.11
C TRP A 63 -33.18 1.89 -6.84
N GLU A 64 -34.36 1.31 -6.66
CA GLU A 64 -35.20 1.57 -5.46
C GLU A 64 -34.45 1.09 -4.20
N ARG A 65 -33.69 0.00 -4.30
CA ARG A 65 -32.85 -0.50 -3.18
C ARG A 65 -31.83 0.59 -2.81
N TYR A 66 -31.24 1.21 -3.83
CA TYR A 66 -30.18 2.21 -3.66
C TYR A 66 -30.76 3.49 -3.03
N THR A 67 -31.85 4.02 -3.56
CA THR A 67 -32.46 5.31 -3.09
C THR A 67 -33.10 5.15 -1.72
N HIS A 68 -33.56 3.94 -1.37
CA HIS A 68 -34.05 3.64 0.00
C HIS A 68 -32.90 3.87 1.01
N ARG A 69 -31.75 3.28 0.73
CA ARG A 69 -30.57 3.32 1.62
C ARG A 69 -29.97 4.73 1.63
N ARG A 70 -30.10 5.47 0.53
CA ARG A 70 -29.53 6.83 0.39
C ARG A 70 -30.32 7.77 1.29
N LYS A 71 -31.65 7.68 1.27
CA LYS A 71 -32.55 8.42 2.19
C LYS A 71 -32.18 8.11 3.65
N GLU A 72 -31.92 6.84 4.00
CA GLU A 72 -31.57 6.47 5.40
C GLU A 72 -30.29 7.21 5.82
N VAL A 73 -29.28 7.20 4.95
CA VAL A 73 -27.94 7.77 5.20
C VAL A 73 -28.05 9.29 5.30
N SER A 74 -28.79 9.94 4.39
CA SER A 74 -28.94 11.42 4.37
C SER A 74 -29.66 11.89 5.65
N GLU A 75 -30.69 11.16 6.08
CA GLU A 75 -31.43 11.49 7.33
C GLU A 75 -30.50 11.30 8.54
N GLU A 76 -29.49 10.42 8.46
CA GLU A 76 -28.51 10.25 9.59
C GLU A 76 -27.37 11.29 9.50
N ASN A 77 -27.37 12.19 8.50
CA ASN A 77 -26.21 13.06 8.16
C ASN A 77 -26.70 14.41 7.62
N HIS A 78 -27.56 15.10 8.38
CA HIS A 78 -28.04 16.48 8.09
C HIS A 78 -28.44 16.61 6.62
N ASN A 79 -29.30 15.68 6.18
CA ASN A 79 -29.88 15.57 4.81
C ASN A 79 -28.76 15.67 3.75
N HIS A 80 -27.65 14.99 3.97
CA HIS A 80 -26.49 14.98 3.02
C HIS A 80 -26.06 13.53 2.78
N ALA A 81 -26.49 12.94 1.66
CA ALA A 81 -26.07 11.60 1.20
C ALA A 81 -24.56 11.58 0.94
N ASN A 82 -24.00 12.70 0.48
CA ASN A 82 -22.57 12.80 0.12
C ASN A 82 -22.31 11.74 -0.97
N GLU A 83 -23.07 11.87 -2.07
CA GLU A 83 -23.14 10.94 -3.20
C GLU A 83 -22.04 11.33 -4.21
N ARG A 84 -21.30 10.33 -4.70
CA ARG A 84 -20.16 10.50 -5.65
C ARG A 84 -20.39 9.59 -6.86
N MET A 85 -19.72 9.94 -7.96
CA MET A 85 -19.60 9.05 -9.11
C MET A 85 -18.18 8.49 -9.07
N LEU A 86 -18.08 7.19 -8.84
CA LEU A 86 -16.79 6.50 -8.60
C LEU A 86 -16.68 5.30 -9.54
N PHE A 87 -15.46 4.94 -9.91
CA PHE A 87 -15.12 3.80 -10.79
C PHE A 87 -15.03 2.53 -9.96
N HIS A 88 -15.58 1.43 -10.46
CA HIS A 88 -15.32 0.09 -9.87
C HIS A 88 -14.86 -0.89 -10.94
N GLY A 89 -13.83 -1.68 -10.62
CA GLY A 89 -13.24 -2.72 -11.50
C GLY A 89 -13.28 -4.10 -10.87
N SER A 90 -13.81 -5.08 -11.59
CA SER A 90 -14.05 -6.45 -11.05
C SER A 90 -14.20 -7.43 -12.20
N PRO A 91 -13.73 -8.68 -12.05
CA PRO A 91 -14.06 -9.71 -13.04
C PRO A 91 -15.53 -10.14 -12.97
N PHE A 92 -16.30 -9.70 -11.96
CA PHE A 92 -17.72 -10.10 -11.74
C PHE A 92 -18.65 -8.93 -12.08
N VAL A 93 -18.19 -8.05 -12.96
CA VAL A 93 -18.96 -6.88 -13.46
C VAL A 93 -20.32 -7.36 -13.99
N ASN A 94 -20.39 -8.53 -14.61
CA ASN A 94 -21.66 -9.05 -15.19
C ASN A 94 -22.62 -9.48 -14.07
N ALA A 95 -22.14 -10.11 -13.00
CA ALA A 95 -23.03 -10.41 -11.85
C ALA A 95 -23.43 -9.12 -11.12
N ILE A 96 -22.63 -8.04 -11.18
CA ILE A 96 -22.93 -6.81 -10.41
C ILE A 96 -24.09 -6.07 -11.10
N ILE A 97 -24.05 -5.92 -12.41
CA ILE A 97 -25.12 -5.16 -13.13
C ILE A 97 -26.45 -5.93 -13.06
N HIS A 98 -26.41 -7.25 -12.89
CA HIS A 98 -27.65 -8.09 -12.87
C HIS A 98 -28.22 -8.20 -11.44
N LYS A 99 -27.39 -8.46 -10.42
CA LYS A 99 -27.84 -8.78 -9.03
C LYS A 99 -27.47 -7.66 -8.03
N GLY A 100 -26.72 -6.64 -8.46
CA GLY A 100 -26.30 -5.52 -7.62
C GLY A 100 -25.10 -5.88 -6.76
N PHE A 101 -24.56 -4.89 -6.04
CA PHE A 101 -23.43 -5.06 -5.10
C PHE A 101 -23.87 -5.82 -3.85
N ASP A 102 -23.05 -6.77 -3.39
CA ASP A 102 -23.25 -7.48 -2.10
C ASP A 102 -21.89 -8.00 -1.58
N GLU A 103 -21.91 -8.66 -0.41
CA GLU A 103 -20.75 -9.27 0.31
C GLU A 103 -19.79 -10.01 -0.63
N ARG A 104 -20.29 -10.68 -1.66
CA ARG A 104 -19.44 -11.47 -2.60
C ARG A 104 -18.57 -10.55 -3.49
N HIS A 105 -18.80 -9.23 -3.50
CA HIS A 105 -17.96 -8.27 -4.28
C HIS A 105 -17.09 -7.43 -3.33
N ALA A 106 -17.04 -7.80 -2.05
CA ALA A 106 -16.11 -7.24 -1.04
C ALA A 106 -14.69 -7.69 -1.38
N TYR A 107 -13.69 -6.86 -1.07
CA TYR A 107 -12.27 -7.28 -0.99
C TYR A 107 -11.92 -7.50 0.49
N ILE A 108 -11.71 -8.76 0.88
CA ILE A 108 -11.61 -9.18 2.31
C ILE A 108 -10.23 -8.79 2.85
N GLY A 109 -9.18 -8.82 2.01
CA GLY A 109 -7.81 -8.44 2.39
C GLY A 109 -7.47 -6.97 2.12
N GLY A 110 -8.47 -6.09 2.03
CA GLY A 110 -8.27 -4.65 1.75
C GLY A 110 -7.69 -3.90 2.94
N MET A 111 -6.97 -2.80 2.68
CA MET A 111 -6.34 -1.91 3.69
C MET A 111 -7.37 -1.38 4.71
N PHE A 112 -8.60 -1.11 4.26
CA PHE A 112 -9.65 -0.46 5.10
C PHE A 112 -10.66 -1.53 5.53
N GLY A 113 -10.27 -2.79 5.43
CA GLY A 113 -11.07 -3.95 5.87
C GLY A 113 -11.96 -4.50 4.76
N ALA A 114 -12.80 -5.47 5.11
CA ALA A 114 -13.64 -6.23 4.16
C ALA A 114 -14.82 -5.37 3.72
N GLY A 115 -14.68 -4.69 2.57
CA GLY A 115 -15.77 -3.86 2.03
C GLY A 115 -15.72 -3.78 0.52
N ILE A 116 -16.58 -2.98 -0.08
CA ILE A 116 -16.60 -2.76 -1.55
C ILE A 116 -15.84 -1.46 -1.81
N TYR A 117 -14.72 -1.56 -2.54
CA TYR A 117 -13.78 -0.45 -2.81
C TYR A 117 -14.14 0.21 -4.14
N PHE A 118 -14.03 1.53 -4.18
CA PHE A 118 -14.21 2.37 -5.39
C PHE A 118 -13.04 3.35 -5.52
N ALA A 119 -12.87 3.91 -6.71
CA ALA A 119 -11.72 4.80 -6.99
C ALA A 119 -12.16 6.03 -7.77
N GLU A 120 -11.55 7.17 -7.45
CA GLU A 120 -11.65 8.43 -8.24
C GLU A 120 -10.81 8.29 -9.52
N ASN A 121 -9.67 7.59 -9.46
CA ASN A 121 -8.85 7.30 -10.67
C ASN A 121 -9.37 6.06 -11.39
N SER A 122 -9.94 6.23 -12.58
CA SER A 122 -10.32 5.09 -13.47
C SER A 122 -9.17 4.08 -13.57
N SER A 123 -7.94 4.56 -13.70
CA SER A 123 -6.73 3.72 -13.94
C SER A 123 -6.44 2.89 -12.69
N LYS A 124 -7.00 3.27 -11.55
CA LYS A 124 -6.88 2.49 -10.30
C LYS A 124 -7.86 1.32 -10.37
N SER A 125 -9.10 1.56 -10.80
CA SER A 125 -10.13 0.50 -10.95
C SER A 125 -9.69 -0.47 -12.04
N ASN A 126 -8.95 0.03 -13.03
CA ASN A 126 -8.46 -0.77 -14.17
C ASN A 126 -7.53 -1.88 -13.66
N GLN A 127 -6.80 -1.62 -12.58
CA GLN A 127 -5.88 -2.60 -11.93
C GLN A 127 -6.65 -3.82 -11.40
N TYR A 128 -7.95 -3.68 -11.17
CA TYR A 128 -8.79 -4.70 -10.52
C TYR A 128 -9.70 -5.43 -11.50
N VAL A 129 -9.67 -5.14 -12.82
CA VAL A 129 -10.67 -5.74 -13.76
C VAL A 129 -10.40 -7.24 -13.96
N TYR A 130 -9.13 -7.68 -13.94
CA TYR A 130 -8.72 -9.10 -14.11
C TYR A 130 -8.45 -9.77 -12.74
N GLY A 131 -8.82 -9.11 -11.64
CA GLY A 131 -8.65 -9.63 -10.27
C GLY A 131 -7.74 -8.73 -9.44
N ILE A 132 -7.46 -9.17 -8.22
CA ILE A 132 -6.57 -8.49 -7.24
C ILE A 132 -5.17 -8.35 -7.88
N GLY A 133 -4.63 -7.14 -7.96
CA GLY A 133 -3.33 -6.90 -8.62
C GLY A 133 -3.32 -7.38 -10.06
N GLY A 134 -4.46 -7.32 -10.76
CA GLY A 134 -4.59 -7.71 -12.17
C GLY A 134 -4.61 -9.23 -12.36
N GLY A 135 -4.57 -10.01 -11.29
CA GLY A 135 -4.62 -11.49 -11.34
C GLY A 135 -3.55 -12.03 -12.26
N THR A 136 -3.93 -12.87 -13.23
CA THR A 136 -3.01 -13.42 -14.27
C THR A 136 -3.26 -12.71 -15.62
N GLY A 137 -4.00 -11.59 -15.62
CA GLY A 137 -4.23 -10.75 -16.81
C GLY A 137 -5.43 -11.23 -17.60
N CYS A 138 -5.54 -10.80 -18.85
CA CYS A 138 -6.66 -11.16 -19.76
C CYS A 138 -6.77 -12.68 -19.85
N PRO A 139 -8.00 -13.25 -19.86
CA PRO A 139 -8.17 -14.70 -19.97
C PRO A 139 -7.55 -15.33 -21.23
N VAL A 140 -7.41 -14.58 -22.32
CA VAL A 140 -6.99 -15.14 -23.62
C VAL A 140 -5.47 -15.17 -23.73
N HIS A 141 -4.76 -14.10 -23.32
CA HIS A 141 -3.28 -13.98 -23.49
C HIS A 141 -2.52 -14.08 -22.16
N LYS A 142 -3.19 -14.15 -21.01
CA LYS A 142 -2.54 -14.09 -19.67
C LYS A 142 -1.66 -12.84 -19.57
N ASP A 143 -2.12 -11.74 -20.15
CA ASP A 143 -1.35 -10.46 -20.24
C ASP A 143 -2.07 -9.38 -19.41
N ARG A 144 -1.47 -8.97 -18.29
CA ARG A 144 -2.00 -7.88 -17.45
C ARG A 144 -1.95 -6.57 -18.23
N SER A 145 -1.07 -6.45 -19.22
CA SER A 145 -0.96 -5.24 -20.07
C SER A 145 -1.54 -5.47 -21.47
N CYS A 146 -2.61 -6.28 -21.62
CA CYS A 146 -3.15 -6.63 -22.96
C CYS A 146 -3.78 -5.40 -23.61
N TYR A 147 -3.31 -5.10 -24.83
CA TYR A 147 -3.81 -3.99 -25.69
C TYR A 147 -4.88 -4.51 -26.67
N ILE A 148 -5.20 -5.81 -26.64
CA ILE A 148 -6.16 -6.42 -27.59
C ILE A 148 -7.52 -6.58 -26.90
N CYS A 149 -7.54 -7.27 -25.77
CA CYS A 149 -8.78 -7.77 -25.12
C CYS A 149 -9.62 -6.57 -24.61
N HIS A 150 -10.93 -6.68 -24.76
CA HIS A 150 -11.93 -5.69 -24.28
C HIS A 150 -11.99 -5.76 -22.75
N ARG A 151 -11.85 -4.61 -22.08
CA ARG A 151 -12.01 -4.50 -20.61
C ARG A 151 -13.32 -3.80 -20.33
N GLN A 152 -13.89 -4.07 -19.17
CA GLN A 152 -15.11 -3.41 -18.65
C GLN A 152 -14.87 -2.80 -17.28
N LEU A 153 -15.31 -1.56 -17.10
CA LEU A 153 -15.39 -0.84 -15.81
C LEU A 153 -16.83 -0.46 -15.52
N LEU A 154 -17.19 -0.32 -14.26
CA LEU A 154 -18.44 0.38 -13.89
C LEU A 154 -18.11 1.80 -13.42
N PHE A 155 -18.93 2.75 -13.83
CA PHE A 155 -19.01 4.12 -13.23
C PHE A 155 -20.28 4.13 -12.35
N CYS A 156 -20.12 4.21 -11.04
CA CYS A 156 -21.20 3.97 -10.05
C CYS A 156 -21.58 5.23 -9.27
N ARG A 157 -22.85 5.34 -8.93
CA ARG A 157 -23.36 6.31 -7.94
C ARG A 157 -23.11 5.68 -6.57
N VAL A 158 -22.32 6.32 -5.69
CA VAL A 158 -21.94 5.75 -4.36
C VAL A 158 -22.32 6.75 -3.27
N THR A 159 -23.14 6.31 -2.33
CA THR A 159 -23.53 7.09 -1.14
C THR A 159 -22.44 6.92 -0.08
N LEU A 160 -21.74 7.99 0.29
CA LEU A 160 -20.61 7.93 1.27
C LEU A 160 -21.09 8.31 2.67
N GLY A 161 -22.15 9.13 2.74
CA GLY A 161 -22.63 9.74 3.99
C GLY A 161 -21.47 10.32 4.78
N LYS A 162 -21.43 10.08 6.09
CA LYS A 162 -20.27 10.51 6.94
C LYS A 162 -19.10 9.54 6.68
N SER A 163 -18.09 10.00 5.95
CA SER A 163 -16.91 9.17 5.61
C SER A 163 -15.86 9.31 6.71
N PHE A 164 -15.32 8.19 7.21
CA PHE A 164 -14.17 8.16 8.13
C PHE A 164 -12.90 8.42 7.30
N LEU A 165 -12.16 9.47 7.64
CA LEU A 165 -10.97 9.91 6.87
C LEU A 165 -9.71 9.19 7.41
N GLN A 166 -9.16 8.29 6.60
CA GLN A 166 -7.92 7.53 6.86
C GLN A 166 -6.81 8.05 5.93
N PHE A 167 -5.70 8.55 6.47
CA PHE A 167 -4.54 9.00 5.68
C PHE A 167 -3.66 7.78 5.37
N SER A 168 -2.92 7.80 4.26
CA SER A 168 -1.92 6.74 3.91
C SER A 168 -0.72 6.83 4.87
N MET B 1 -18.88 -9.52 5.33
CA MET B 1 -18.41 -8.11 5.25
C MET B 1 -18.31 -7.49 6.64
N ALA B 2 -17.37 -6.55 6.83
CA ALA B 2 -17.17 -5.76 8.06
C ALA B 2 -18.30 -4.72 8.18
N HIS B 3 -18.22 -3.86 9.20
CA HIS B 3 -19.14 -2.72 9.44
C HIS B 3 -18.32 -1.43 9.30
N SER B 4 -18.95 -0.31 8.97
CA SER B 4 -18.29 1.02 8.95
C SER B 4 -17.78 1.30 10.37
N PRO B 5 -16.74 2.14 10.54
CA PRO B 5 -16.40 2.63 11.87
C PRO B 5 -17.64 3.19 12.56
N PRO B 6 -17.82 2.95 13.88
CA PRO B 6 -18.92 3.57 14.62
C PRO B 6 -19.07 5.06 14.26
N GLY B 7 -20.30 5.47 13.92
CA GLY B 7 -20.66 6.87 13.62
C GLY B 7 -20.49 7.25 12.15
N HIS B 8 -20.05 6.32 11.29
CA HIS B 8 -19.57 6.60 9.90
C HIS B 8 -20.27 5.64 8.92
N HIS B 9 -20.45 6.04 7.65
CA HIS B 9 -21.16 5.24 6.61
C HIS B 9 -20.18 4.68 5.57
N SER B 10 -18.92 5.08 5.65
CA SER B 10 -17.91 4.74 4.64
C SER B 10 -16.53 5.12 5.18
N VAL B 11 -15.48 4.64 4.54
CA VAL B 11 -14.08 5.07 4.78
C VAL B 11 -13.59 5.78 3.52
N THR B 12 -12.77 6.81 3.70
CA THR B 12 -12.04 7.50 2.61
C THR B 12 -10.57 7.21 2.79
N GLY B 13 -9.98 6.48 1.85
CA GLY B 13 -8.53 6.31 1.73
C GLY B 13 -7.90 7.51 1.06
N ARG B 14 -7.47 8.49 1.86
CA ARG B 14 -6.85 9.74 1.40
CA ARG B 14 -6.86 9.74 1.37
C ARG B 14 -5.38 9.47 1.13
N PRO B 15 -4.85 9.68 -0.10
CA PRO B 15 -3.45 9.38 -0.39
C PRO B 15 -2.56 10.44 0.28
N SER B 16 -1.47 10.04 0.94
CA SER B 16 -0.63 10.92 1.81
C SER B 16 0.87 10.79 1.50
N VAL B 17 1.25 10.20 0.36
CA VAL B 17 2.66 10.08 -0.12
C VAL B 17 2.68 10.47 -1.60
N ASN B 18 2.00 9.69 -2.44
CA ASN B 18 1.84 9.94 -3.90
C ASN B 18 1.06 11.24 -4.10
N GLY B 19 1.76 12.24 -4.65
CA GLY B 19 1.20 13.57 -4.98
C GLY B 19 0.04 13.49 -5.96
N LEU B 20 0.12 12.59 -6.96
CA LEU B 20 -0.83 12.56 -8.11
C LEU B 20 -2.06 11.69 -7.82
N ALA B 21 -2.03 10.81 -6.82
CA ALA B 21 -3.12 9.85 -6.55
C ALA B 21 -4.36 10.61 -6.08
N LEU B 22 -5.54 10.17 -6.53
CA LEU B 22 -6.85 10.56 -5.96
C LEU B 22 -7.30 9.49 -4.95
N ALA B 23 -8.42 9.75 -4.30
CA ALA B 23 -8.98 8.99 -3.17
C ALA B 23 -9.57 7.65 -3.64
N GLU B 24 -9.53 6.69 -2.73
CA GLU B 24 -10.29 5.42 -2.76
C GLU B 24 -11.33 5.49 -1.65
N TYR B 25 -12.44 4.78 -1.83
CA TYR B 25 -13.59 4.81 -0.91
C TYR B 25 -13.99 3.35 -0.66
N VAL B 26 -14.51 3.08 0.52
CA VAL B 26 -15.02 1.73 0.89
C VAL B 26 -16.38 1.95 1.54
N ILE B 27 -17.38 1.19 1.07
CA ILE B 27 -18.70 1.06 1.73
C ILE B 27 -18.82 -0.38 2.22
N TYR B 28 -19.69 -0.59 3.20
CA TYR B 28 -19.85 -1.90 3.89
C TYR B 28 -21.28 -2.37 3.67
N ARG B 29 -22.03 -1.67 2.82
CA ARG B 29 -23.40 -2.04 2.42
C ARG B 29 -23.48 -1.98 0.90
N GLY B 30 -23.86 -3.08 0.25
CA GLY B 30 -24.02 -3.15 -1.22
C GLY B 30 -25.07 -2.18 -1.74
N GLU B 31 -26.08 -1.90 -0.91
CA GLU B 31 -27.23 -1.03 -1.23
C GLU B 31 -26.78 0.44 -1.35
N GLN B 32 -25.57 0.77 -0.86
CA GLN B 32 -24.98 2.15 -0.89
C GLN B 32 -24.26 2.46 -2.22
N ALA B 33 -24.38 1.59 -3.21
CA ALA B 33 -23.85 1.84 -4.57
C ALA B 33 -24.85 1.31 -5.62
N TYR B 34 -24.94 2.02 -6.74
CA TYR B 34 -25.71 1.63 -7.96
C TYR B 34 -24.78 1.71 -9.16
N PRO B 35 -24.63 0.62 -9.95
CA PRO B 35 -23.75 0.62 -11.12
C PRO B 35 -24.44 1.26 -12.34
N GLU B 36 -24.18 2.53 -12.60
CA GLU B 36 -24.98 3.33 -13.57
C GLU B 36 -24.48 3.13 -14.99
N TYR B 37 -23.17 3.05 -15.21
CA TYR B 37 -22.57 2.92 -16.56
C TYR B 37 -21.63 1.72 -16.59
N LEU B 38 -21.86 0.80 -17.51
CA LEU B 38 -20.87 -0.21 -17.97
C LEU B 38 -20.07 0.39 -19.14
N ILE B 39 -18.77 0.57 -18.92
CA ILE B 39 -17.82 1.09 -19.95
C ILE B 39 -16.97 -0.07 -20.45
N THR B 40 -17.01 -0.32 -21.75
CA THR B 40 -16.17 -1.32 -22.46
C THR B 40 -15.07 -0.52 -23.16
N TYR B 41 -13.81 -0.90 -22.92
CA TYR B 41 -12.65 -0.12 -23.39
C TYR B 41 -11.48 -1.06 -23.68
N GLN B 42 -10.49 -0.58 -24.41
CA GLN B 42 -9.10 -1.11 -24.39
C GLN B 42 -8.18 -0.03 -23.80
N ILE B 43 -7.13 -0.44 -23.08
CA ILE B 43 -5.98 0.45 -22.78
C ILE B 43 -5.21 0.59 -24.09
N MET B 44 -4.57 1.73 -24.32
CA MET B 44 -3.80 2.02 -25.55
C MET B 44 -2.29 2.04 -25.26
N ARG B 45 -1.52 1.29 -26.05
CA ARG B 45 -0.03 1.38 -26.07
C ARG B 45 0.38 2.81 -26.41
N PRO B 46 1.20 3.48 -25.56
CA PRO B 46 1.67 4.84 -25.86
C PRO B 46 2.66 4.85 -27.03
N GLU B 47 2.77 6.00 -27.70
CA GLU B 47 3.71 6.26 -28.84
C GLU B 47 4.91 5.31 -28.76
N GLY C 9 13.81 5.39 -10.83
CA GLY C 9 13.45 4.13 -11.57
C GLY C 9 12.94 3.03 -10.64
N THR C 10 12.22 3.39 -9.58
CA THR C 10 11.72 2.42 -8.57
C THR C 10 10.28 2.05 -8.91
N ILE C 11 9.97 0.76 -8.96
CA ILE C 11 8.56 0.28 -9.00
C ILE C 11 8.29 -0.56 -7.74
N LEU C 12 7.06 -0.47 -7.24
CA LEU C 12 6.53 -1.27 -6.11
C LEU C 12 5.58 -2.33 -6.67
N ILE C 13 5.85 -3.60 -6.39
CA ILE C 13 5.00 -4.77 -6.77
C ILE C 13 4.28 -5.22 -5.51
N ASP C 14 2.98 -4.95 -5.42
CA ASP C 14 2.10 -5.46 -4.35
C ASP C 14 2.24 -7.00 -4.30
N LEU C 15 2.53 -7.57 -3.13
CA LEU C 15 2.58 -9.05 -2.95
C LEU C 15 1.22 -9.51 -2.42
N SER C 16 0.79 -10.68 -2.87
CA SER C 16 -0.51 -11.30 -2.48
C SER C 16 -0.35 -11.89 -1.08
N PRO C 17 -1.28 -11.57 -0.14
CA PRO C 17 -1.32 -12.26 1.15
C PRO C 17 -1.25 -13.79 1.10
N ASP C 18 -1.74 -14.39 0.01
CA ASP C 18 -1.81 -15.87 -0.19
C ASP C 18 -0.48 -16.36 -0.77
N ASP C 19 0.45 -15.45 -1.00
CA ASP C 19 1.83 -15.70 -1.49
C ASP C 19 2.70 -16.08 -0.29
N LYS C 20 3.61 -17.06 -0.45
CA LYS C 20 4.49 -17.55 0.63
C LYS C 20 5.50 -16.47 1.02
N GLU C 21 5.90 -15.64 0.06
CA GLU C 21 6.86 -14.54 0.27
C GLU C 21 6.24 -13.52 1.25
N PHE C 22 5.00 -13.13 1.02
CA PHE C 22 4.23 -12.26 1.94
C PHE C 22 4.25 -12.88 3.34
N GLN C 23 3.85 -14.14 3.45
CA GLN C 23 3.63 -14.81 4.77
C GLN C 23 4.95 -14.86 5.55
N SER C 24 6.05 -14.99 4.82
CA SER C 24 7.44 -15.12 5.34
C SER C 24 7.87 -13.77 5.95
N VAL C 25 7.54 -12.69 5.27
CA VAL C 25 7.88 -11.31 5.71
C VAL C 25 6.97 -10.98 6.89
N GLU C 26 5.69 -11.35 6.81
CA GLU C 26 4.75 -11.16 7.95
C GLU C 26 5.27 -11.89 9.19
N GLU C 27 5.71 -13.15 9.06
CA GLU C 27 6.12 -13.94 10.26
C GLU C 27 7.40 -13.34 10.87
N GLU C 28 8.24 -12.71 10.04
CA GLU C 28 9.47 -12.00 10.48
C GLU C 28 9.09 -10.76 11.28
N MET C 29 8.13 -9.95 10.82
CA MET C 29 7.53 -8.83 11.59
C MET C 29 6.98 -9.35 12.92
N GLN C 30 6.02 -10.27 12.87
CA GLN C 30 5.19 -10.63 14.05
C GLN C 30 6.09 -11.30 15.10
N SER C 31 7.02 -12.16 14.67
CA SER C 31 7.83 -13.04 15.55
C SER C 31 8.94 -12.25 16.23
N THR C 32 9.33 -11.06 15.71
CA THR C 32 10.44 -10.25 16.26
C THR C 32 9.94 -8.99 17.00
N VAL C 33 8.67 -8.99 17.41
CA VAL C 33 8.15 -8.03 18.42
C VAL C 33 8.62 -8.46 19.82
N ARG C 34 9.13 -7.51 20.60
CA ARG C 34 9.43 -7.70 22.04
C ARG C 34 8.86 -6.52 22.86
N GLU C 35 8.95 -6.63 24.17
CA GLU C 35 8.66 -5.52 25.12
C GLU C 35 9.87 -4.56 25.11
N HIS C 36 9.59 -3.27 25.25
CA HIS C 36 10.61 -2.20 25.21
C HIS C 36 10.68 -1.55 26.59
N ARG C 37 11.89 -1.24 27.05
CA ARG C 37 12.14 -0.76 28.44
C ARG C 37 11.49 0.61 28.63
N ASP C 38 11.06 1.28 27.54
CA ASP C 38 10.41 2.62 27.64
C ASP C 38 8.91 2.46 27.89
N GLY C 39 8.44 1.23 28.11
CA GLY C 39 7.01 0.91 28.27
C GLY C 39 6.17 1.30 27.05
N GLY C 40 6.76 1.50 25.87
CA GLY C 40 6.04 1.88 24.64
C GLY C 40 6.10 3.38 24.36
N HIS C 41 6.80 4.15 25.19
CA HIS C 41 6.92 5.62 25.04
C HIS C 41 7.26 6.01 23.60
N ALA C 42 8.24 5.35 22.95
CA ALA C 42 8.77 5.73 21.63
C ALA C 42 7.90 5.15 20.50
N GLY C 43 7.47 3.89 20.59
CA GLY C 43 6.89 3.14 19.45
C GLY C 43 5.44 2.75 19.64
N GLY C 44 4.88 2.93 20.83
CA GLY C 44 3.51 2.50 21.18
C GLY C 44 3.47 1.23 22.01
N ILE C 45 2.29 0.94 22.58
CA ILE C 45 2.00 -0.31 23.35
C ILE C 45 1.28 -1.29 22.41
N PHE C 46 1.90 -2.44 22.13
CA PHE C 46 1.39 -3.47 21.20
C PHE C 46 2.16 -4.77 21.40
N ASN C 47 1.56 -5.90 21.03
CA ASN C 47 2.23 -7.23 21.00
C ASN C 47 2.35 -7.73 19.57
N ARG C 48 1.53 -7.20 18.66
CA ARG C 48 1.43 -7.69 17.25
C ARG C 48 0.99 -6.54 16.34
N TYR C 49 1.20 -6.73 15.04
CA TYR C 49 0.85 -5.74 13.99
C TYR C 49 -0.37 -6.26 13.25
N ASN C 50 -1.09 -5.33 12.66
CA ASN C 50 -2.00 -5.57 11.50
C ASN C 50 -1.20 -5.18 10.24
N ILE C 51 -0.78 -6.19 9.46
CA ILE C 51 -0.06 -6.01 8.18
C ILE C 51 -1.13 -5.69 7.11
N LEU C 52 -1.04 -4.52 6.49
CA LEU C 52 -2.02 -4.01 5.50
C LEU C 52 -1.54 -4.30 4.07
N LYS C 53 -0.22 -4.27 3.85
CA LYS C 53 0.36 -4.35 2.48
C LYS C 53 1.86 -4.63 2.59
N ILE C 54 2.38 -5.50 1.73
CA ILE C 54 3.84 -5.73 1.55
C ILE C 54 4.16 -5.57 0.06
N GLN C 55 5.03 -4.63 -0.27
CA GLN C 55 5.49 -4.37 -1.65
C GLN C 55 6.98 -4.73 -1.80
N LYS C 56 7.33 -5.39 -2.90
CA LYS C 56 8.72 -5.61 -3.33
C LYS C 56 9.22 -4.30 -3.94
N VAL C 57 10.40 -3.84 -3.54
CA VAL C 57 11.02 -2.63 -4.14
C VAL C 57 11.97 -3.10 -5.24
N CYS C 58 11.72 -2.66 -6.48
CA CYS C 58 12.57 -2.94 -7.67
C CYS C 58 13.14 -1.61 -8.14
N ASN C 59 14.45 -1.55 -8.26
CA ASN C 59 15.20 -0.43 -8.84
C ASN C 59 16.50 -1.02 -9.38
N LYS C 60 16.71 -1.01 -10.69
CA LYS C 60 17.81 -1.77 -11.33
C LYS C 60 19.13 -1.12 -10.94
N LYS C 61 19.16 0.22 -10.90
CA LYS C 61 20.39 1.01 -10.63
C LYS C 61 20.79 0.81 -9.16
N LEU C 62 19.83 0.86 -8.23
CA LEU C 62 20.10 0.74 -6.77
C LEU C 62 20.55 -0.69 -6.46
N TRP C 63 19.99 -1.68 -7.16
CA TRP C 63 20.41 -3.11 -7.06
C TRP C 63 21.86 -3.29 -7.53
N GLU C 64 22.17 -2.92 -8.77
CA GLU C 64 23.54 -3.05 -9.35
C GLU C 64 24.54 -2.37 -8.40
N ARG C 65 24.17 -1.22 -7.81
CA ARG C 65 25.01 -0.42 -6.89
C ARG C 65 25.19 -1.19 -5.57
N TYR C 66 24.15 -1.86 -5.09
CA TYR C 66 24.20 -2.77 -3.93
C TYR C 66 25.13 -3.97 -4.24
N THR C 67 24.85 -4.72 -5.31
CA THR C 67 25.58 -5.99 -5.65
C THR C 67 27.05 -5.74 -6.02
N HIS C 68 27.41 -4.53 -6.46
CA HIS C 68 28.81 -4.15 -6.78
C HIS C 68 29.61 -3.94 -5.47
N ARG C 69 29.00 -3.29 -4.46
CA ARG C 69 29.61 -3.08 -3.13
C ARG C 69 29.61 -4.40 -2.35
N ARG C 70 28.66 -5.30 -2.63
CA ARG C 70 28.58 -6.63 -1.99
C ARG C 70 29.77 -7.48 -2.46
N LYS C 71 30.12 -7.41 -3.75
CA LYS C 71 31.30 -8.13 -4.33
C LYS C 71 32.58 -7.60 -3.66
N GLU C 72 32.75 -6.28 -3.58
CA GLU C 72 33.95 -5.65 -2.96
C GLU C 72 34.11 -6.18 -1.53
N VAL C 73 33.03 -6.13 -0.75
CA VAL C 73 32.99 -6.51 0.69
C VAL C 73 33.24 -8.00 0.80
N SER C 74 32.53 -8.79 0.00
CA SER C 74 32.68 -10.27 -0.09
C SER C 74 34.14 -10.65 -0.33
N GLU C 75 34.84 -9.95 -1.23
CA GLU C 75 36.26 -10.26 -1.59
C GLU C 75 37.19 -9.81 -0.45
N GLU C 76 36.98 -8.63 0.14
CA GLU C 76 37.78 -8.17 1.32
C GLU C 76 37.55 -9.08 2.53
N ASN C 77 36.40 -9.76 2.63
CA ASN C 77 36.05 -10.63 3.77
C ASN C 77 36.16 -12.10 3.35
N HIS C 78 37.06 -12.37 2.40
CA HIS C 78 37.53 -13.74 2.01
C HIS C 78 36.34 -14.56 1.54
N ASN C 79 35.57 -14.00 0.59
CA ASN C 79 34.43 -14.64 -0.12
C ASN C 79 33.26 -14.86 0.85
N HIS C 80 32.90 -13.85 1.65
CA HIS C 80 31.76 -13.95 2.61
C HIS C 80 31.16 -12.57 2.82
N ALA C 81 30.04 -12.28 2.17
CA ALA C 81 29.29 -11.01 2.24
C ALA C 81 28.69 -10.81 3.63
N ASN C 82 28.35 -11.91 4.30
CA ASN C 82 27.72 -11.89 5.65
C ASN C 82 26.45 -11.05 5.51
N GLU C 83 25.59 -11.46 4.57
CA GLU C 83 24.37 -10.72 4.16
C GLU C 83 23.19 -11.20 5.03
N ARG C 84 22.46 -10.24 5.59
CA ARG C 84 21.29 -10.46 6.50
C ARG C 84 20.06 -9.77 5.92
N MET C 85 18.88 -10.14 6.42
CA MET C 85 17.62 -9.38 6.21
C MET C 85 17.29 -8.69 7.53
N LEU C 86 17.25 -7.36 7.53
CA LEU C 86 17.06 -6.52 8.75
C LEU C 86 16.04 -5.41 8.51
N PHE C 87 15.29 -5.04 9.55
CA PHE C 87 14.30 -3.94 9.53
C PHE C 87 14.98 -2.57 9.60
N HIS C 88 14.36 -1.58 8.95
CA HIS C 88 14.77 -0.16 9.06
C HIS C 88 13.53 0.74 9.14
N GLY C 89 13.47 1.56 10.16
CA GLY C 89 12.35 2.49 10.46
C GLY C 89 12.83 3.90 10.32
N SER C 90 12.11 4.73 9.58
CA SER C 90 12.54 6.11 9.26
C SER C 90 11.36 6.92 8.76
N PRO C 91 11.26 8.22 9.13
CA PRO C 91 10.31 9.13 8.50
C PRO C 91 10.52 9.25 6.98
N PHE C 92 11.75 9.11 6.49
CA PHE C 92 12.16 9.39 5.09
C PHE C 92 12.17 8.11 4.25
N VAL C 93 11.34 7.14 4.59
CA VAL C 93 11.23 5.84 3.87
C VAL C 93 10.90 6.13 2.39
N ASN C 94 10.17 7.21 2.09
CA ASN C 94 9.86 7.60 0.68
C ASN C 94 11.15 7.91 -0.08
N ALA C 95 12.01 8.75 0.46
CA ALA C 95 13.31 9.10 -0.15
C ALA C 95 14.19 7.86 -0.33
N ILE C 96 14.12 6.89 0.60
CA ILE C 96 15.03 5.70 0.62
C ILE C 96 14.71 4.76 -0.54
N ILE C 97 13.45 4.41 -0.73
CA ILE C 97 13.06 3.48 -1.84
C ILE C 97 13.36 4.13 -3.21
N HIS C 98 13.39 5.46 -3.32
CA HIS C 98 13.55 6.18 -4.61
C HIS C 98 15.02 6.46 -4.91
N LYS C 99 15.82 6.88 -3.92
CA LYS C 99 17.22 7.34 -4.15
C LYS C 99 18.23 6.48 -3.40
N GLY C 100 17.77 5.53 -2.58
CA GLY C 100 18.66 4.60 -1.84
C GLY C 100 19.08 5.18 -0.51
N PHE C 101 19.84 4.43 0.28
CA PHE C 101 20.46 4.90 1.55
C PHE C 101 21.67 5.80 1.25
N ASP C 102 21.95 6.77 2.10
CA ASP C 102 23.24 7.51 2.12
C ASP C 102 23.36 8.31 3.43
N GLU C 103 24.42 9.11 3.57
CA GLU C 103 24.75 9.91 4.79
C GLU C 103 23.50 10.55 5.41
N ARG C 104 22.50 10.96 4.60
CA ARG C 104 21.29 11.67 5.08
C ARG C 104 20.47 10.76 6.00
N HIS C 105 20.59 9.43 5.86
CA HIS C 105 19.78 8.41 6.59
C HIS C 105 20.57 7.87 7.80
N ALA C 106 21.71 8.49 8.15
CA ALA C 106 22.56 8.14 9.31
C ALA C 106 22.09 8.88 10.56
N TYR C 107 22.06 8.20 11.72
CA TYR C 107 21.86 8.87 13.04
C TYR C 107 23.24 9.28 13.57
N ILE C 108 23.43 10.59 13.74
CA ILE C 108 24.73 11.26 14.06
C ILE C 108 25.10 11.00 15.53
N GLY C 109 24.11 10.80 16.41
CA GLY C 109 24.29 10.60 17.86
C GLY C 109 24.14 9.14 18.30
N GLY C 110 24.27 8.18 17.38
CA GLY C 110 24.08 6.74 17.67
C GLY C 110 25.14 6.20 18.60
N MET C 111 24.77 5.24 19.44
CA MET C 111 25.66 4.51 20.39
C MET C 111 26.89 3.91 19.69
N PHE C 112 26.75 3.43 18.45
CA PHE C 112 27.81 2.69 17.71
C PHE C 112 28.42 3.56 16.62
N GLY C 113 28.27 4.89 16.73
CA GLY C 113 28.84 5.85 15.77
C GLY C 113 27.80 6.36 14.80
N ALA C 114 28.17 7.36 13.99
CA ALA C 114 27.29 8.04 13.01
C ALA C 114 27.29 7.23 11.70
N GLY C 115 26.32 6.33 11.54
CA GLY C 115 26.13 5.47 10.34
C GLY C 115 24.67 5.10 10.18
N ILE C 116 24.36 4.08 9.37
CA ILE C 116 22.94 3.70 9.12
C ILE C 116 22.59 2.48 9.99
N TYR C 117 21.55 2.62 10.82
CA TYR C 117 21.14 1.63 11.85
C TYR C 117 20.02 0.73 11.30
N PHE C 118 20.15 -0.57 11.54
CA PHE C 118 19.18 -1.64 11.20
C PHE C 118 18.94 -2.49 12.46
N ALA C 119 17.79 -3.15 12.54
CA ALA C 119 17.37 -3.90 13.73
C ALA C 119 16.88 -5.30 13.35
N GLU C 120 17.27 -6.31 14.12
CA GLU C 120 16.64 -7.65 14.09
C GLU C 120 15.21 -7.60 14.65
N ASN C 121 14.93 -6.77 15.67
CA ASN C 121 13.55 -6.66 16.23
C ASN C 121 12.75 -5.63 15.40
N SER C 122 11.67 -6.05 14.76
CA SER C 122 10.74 -5.16 14.03
C SER C 122 10.26 -4.03 14.97
N SER C 123 9.98 -4.37 16.23
CA SER C 123 9.43 -3.44 17.27
C SER C 123 10.48 -2.36 17.59
N LYS C 124 11.76 -2.66 17.36
CA LYS C 124 12.86 -1.68 17.56
C LYS C 124 12.80 -0.67 16.40
N SER C 125 12.72 -1.14 15.17
CA SER C 125 12.64 -0.24 13.98
C SER C 125 11.40 0.62 14.08
N ASN C 126 10.33 0.07 14.65
CA ASN C 126 9.02 0.76 14.82
C ASN C 126 9.15 2.01 15.70
N GLN C 127 10.06 2.02 16.66
CA GLN C 127 10.34 3.19 17.54
C GLN C 127 10.87 4.38 16.73
N TYR C 128 11.48 4.16 15.56
CA TYR C 128 12.15 5.21 14.73
C TYR C 128 11.28 5.66 13.54
N VAL C 129 10.12 5.07 13.33
CA VAL C 129 9.28 5.32 12.12
C VAL C 129 8.84 6.80 12.09
N TYR C 130 8.49 7.39 13.23
CA TYR C 130 8.04 8.80 13.30
C TYR C 130 9.19 9.72 13.71
N GLY C 131 10.42 9.19 13.75
CA GLY C 131 11.64 9.95 14.11
C GLY C 131 12.39 9.37 15.29
N ILE C 132 13.41 10.07 15.78
CA ILE C 132 14.23 9.63 16.94
C ILE C 132 13.34 9.60 18.21
N GLY C 133 13.35 8.50 18.95
CA GLY C 133 12.51 8.37 20.16
C GLY C 133 11.03 8.49 19.84
N GLY C 134 10.66 8.20 18.59
CA GLY C 134 9.27 8.28 18.08
C GLY C 134 8.85 9.69 17.69
N GLY C 135 9.72 10.69 17.84
CA GLY C 135 9.42 12.10 17.57
C GLY C 135 8.19 12.53 18.36
N THR C 136 7.21 13.14 17.70
CA THR C 136 5.91 13.53 18.30
C THR C 136 4.80 12.62 17.76
N GLY C 137 5.18 11.53 17.10
CA GLY C 137 4.27 10.43 16.73
C GLY C 137 3.59 10.69 15.40
N CYS C 138 2.43 10.07 15.18
CA CYS C 138 1.68 10.18 13.92
C CYS C 138 1.43 11.66 13.62
N PRO C 139 1.48 12.10 12.34
CA PRO C 139 1.20 13.48 11.99
C PRO C 139 -0.22 13.94 12.35
N VAL C 140 -1.18 13.03 12.30
CA VAL C 140 -2.63 13.37 12.42
C VAL C 140 -2.96 13.58 13.90
N HIS C 141 -2.60 12.64 14.77
CA HIS C 141 -3.03 12.63 16.19
C HIS C 141 -1.89 13.08 17.12
N LYS C 142 -0.66 13.16 16.62
CA LYS C 142 0.56 13.41 17.45
C LYS C 142 0.62 12.35 18.55
N ASP C 143 0.40 11.09 18.17
CA ASP C 143 0.31 9.96 19.12
C ASP C 143 1.35 8.90 18.71
N ARG C 144 2.35 8.69 19.56
CA ARG C 144 3.44 7.71 19.32
C ARG C 144 2.86 6.31 19.39
N SER C 145 1.72 6.14 20.08
CA SER C 145 1.01 4.83 20.20
C SER C 145 -0.26 4.80 19.34
N CYS C 146 -0.34 5.58 18.26
CA CYS C 146 -1.57 5.67 17.43
C CYS C 146 -1.85 4.32 16.78
N TYR C 147 -3.03 3.77 17.05
CA TYR C 147 -3.55 2.48 16.52
C TYR C 147 -4.37 2.69 15.23
N ILE C 148 -4.54 3.93 14.78
CA ILE C 148 -5.36 4.24 13.58
C ILE C 148 -4.45 4.39 12.36
N CYS C 149 -3.42 5.21 12.47
CA CYS C 149 -2.63 5.74 11.33
C CYS C 149 -1.70 4.64 10.78
N HIS C 150 -1.54 4.61 9.46
CA HIS C 150 -0.68 3.65 8.73
C HIS C 150 0.79 3.97 8.99
N ARG C 151 1.58 2.95 9.30
CA ARG C 151 3.07 3.04 9.46
C ARG C 151 3.73 2.20 8.37
N GLN C 152 4.98 2.54 8.07
CA GLN C 152 5.81 1.85 7.06
C GLN C 152 7.18 1.53 7.67
N LEU C 153 7.65 0.30 7.47
CA LEU C 153 9.02 -0.18 7.75
C LEU C 153 9.62 -0.67 6.44
N LEU C 154 10.92 -0.62 6.28
CA LEU C 154 11.64 -1.39 5.23
C LEU C 154 12.17 -2.68 5.86
N PHE C 155 12.02 -3.79 5.15
CA PHE C 155 12.78 -5.04 5.40
C PHE C 155 13.87 -5.14 4.33
N CYS C 156 15.13 -4.94 4.71
CA CYS C 156 16.25 -4.66 3.79
C CYS C 156 17.26 -5.82 3.73
N ARG C 157 18.00 -5.87 2.64
CA ARG C 157 19.17 -6.75 2.44
C ARG C 157 20.40 -5.93 2.85
N VAL C 158 21.15 -6.39 3.86
CA VAL C 158 22.30 -5.65 4.45
C VAL C 158 23.55 -6.55 4.41
N THR C 159 24.59 -6.06 3.71
CA THR C 159 25.94 -6.63 3.67
C THR C 159 26.73 -6.11 4.88
N LEU C 160 27.03 -7.01 5.83
CA LEU C 160 27.77 -6.69 7.08
C LEU C 160 29.27 -6.89 6.89
N GLY C 161 29.67 -7.76 5.97
CA GLY C 161 31.05 -8.24 5.83
C GLY C 161 31.62 -8.59 7.19
N LYS C 162 32.86 -8.14 7.44
CA LYS C 162 33.52 -8.29 8.76
C LYS C 162 32.86 -7.30 9.72
N SER C 163 31.94 -7.80 10.56
CA SER C 163 31.21 -6.98 11.57
C SER C 163 32.03 -6.93 12.87
N PHE C 164 32.23 -5.74 13.43
CA PHE C 164 32.90 -5.51 14.74
C PHE C 164 31.86 -5.73 15.84
N LEU C 165 32.13 -6.64 16.78
CA LEU C 165 31.15 -6.99 17.84
C LEU C 165 31.31 -6.01 19.01
N GLN C 166 30.27 -5.22 19.25
CA GLN C 166 30.18 -4.27 20.39
C GLN C 166 29.05 -4.74 21.32
N PHE C 167 29.37 -5.20 22.52
CA PHE C 167 28.36 -5.46 23.57
C PHE C 167 27.87 -4.09 24.05
N SER C 168 26.58 -3.99 24.32
CA SER C 168 25.89 -2.75 24.77
C SER C 168 25.17 -3.09 26.07
N ALA C 169 25.01 -2.10 26.95
CA ALA C 169 24.33 -2.25 28.26
C ALA C 169 22.81 -2.04 28.12
N MET C 170 22.25 -2.32 26.93
CA MET C 170 20.78 -2.20 26.63
C MET C 170 20.13 -3.58 26.66
N MET D 1 29.07 11.31 8.16
CA MET D 1 28.93 9.84 8.37
C MET D 1 30.32 9.21 8.60
N ALA D 2 30.52 8.53 9.73
CA ALA D 2 31.81 7.98 10.23
C ALA D 2 32.31 6.87 9.31
N HIS D 3 33.60 6.55 9.43
CA HIS D 3 34.25 5.37 8.80
C HIS D 3 34.09 4.21 9.79
N SER D 4 33.91 2.99 9.28
CA SER D 4 33.71 1.78 10.12
C SER D 4 35.05 1.44 10.78
N PRO D 5 35.06 0.67 11.89
CA PRO D 5 36.30 0.30 12.57
C PRO D 5 37.33 -0.29 11.60
N PRO D 6 38.64 -0.02 11.79
CA PRO D 6 39.66 -0.41 10.82
C PRO D 6 39.67 -1.91 10.46
N GLY D 7 39.59 -2.21 9.16
CA GLY D 7 39.51 -3.60 8.63
C GLY D 7 38.14 -4.22 8.84
N HIS D 8 37.14 -3.44 9.31
CA HIS D 8 35.73 -3.89 9.52
C HIS D 8 34.79 -3.16 8.55
N HIS D 9 33.64 -3.76 8.25
CA HIS D 9 32.65 -3.27 7.25
C HIS D 9 31.35 -2.83 7.93
N SER D 10 31.20 -3.12 9.22
CA SER D 10 29.97 -2.87 9.99
C SER D 10 30.27 -3.04 11.47
N VAL D 11 29.32 -2.61 12.28
CA VAL D 11 29.30 -2.85 13.75
C VAL D 11 28.04 -3.66 14.07
N THR D 12 28.17 -4.63 14.98
CA THR D 12 27.05 -5.38 15.62
C THR D 12 26.91 -4.84 17.03
N GLY D 13 25.82 -4.12 17.29
CA GLY D 13 25.44 -3.69 18.65
C GLY D 13 24.62 -4.78 19.30
N ARG D 14 25.23 -5.58 20.18
CA ARG D 14 24.56 -6.73 20.82
C ARG D 14 24.20 -6.40 22.27
N PRO D 15 22.90 -6.26 22.59
CA PRO D 15 22.47 -6.10 23.99
C PRO D 15 22.93 -7.24 24.91
N SER D 16 23.51 -6.88 26.06
CA SER D 16 24.09 -7.80 27.08
C SER D 16 23.23 -7.88 28.36
N VAL D 17 22.25 -6.99 28.57
CA VAL D 17 21.45 -6.94 29.83
C VAL D 17 20.05 -7.50 29.57
N ASN D 18 19.39 -7.04 28.50
CA ASN D 18 18.07 -7.60 28.10
C ASN D 18 18.29 -8.80 27.16
N GLY D 19 18.18 -10.02 27.69
CA GLY D 19 18.52 -11.25 26.96
C GLY D 19 17.51 -11.57 25.85
N LEU D 20 16.36 -10.89 25.84
CA LEU D 20 15.32 -11.05 24.78
C LEU D 20 15.49 -9.98 23.70
N ALA D 21 16.45 -9.05 23.88
CA ALA D 21 16.71 -7.95 22.92
C ALA D 21 17.71 -8.43 21.86
N LEU D 22 17.29 -8.41 20.60
CA LEU D 22 18.13 -8.83 19.46
C LEU D 22 19.04 -7.65 19.09
N ALA D 23 19.99 -7.91 18.18
CA ALA D 23 21.08 -6.99 17.81
C ALA D 23 20.57 -5.84 16.95
N GLU D 24 21.37 -4.79 16.95
CA GLU D 24 21.32 -3.67 15.98
C GLU D 24 22.62 -3.72 15.21
N TYR D 25 22.56 -3.36 13.94
CA TYR D 25 23.71 -3.36 13.01
C TYR D 25 23.81 -1.95 12.46
N VAL D 26 25.03 -1.59 12.07
CA VAL D 26 25.44 -0.24 11.59
C VAL D 26 26.39 -0.45 10.43
N ILE D 27 26.10 0.24 9.33
CA ILE D 27 26.96 0.30 8.12
C ILE D 27 27.28 1.77 7.85
N TYR D 28 28.38 2.03 7.14
CA TYR D 28 28.90 3.40 6.97
C TYR D 28 28.86 3.78 5.49
N ARG D 29 28.10 3.01 4.70
CA ARG D 29 27.97 3.12 3.23
C ARG D 29 26.53 2.78 2.84
N GLY D 30 25.81 3.70 2.18
CA GLY D 30 24.44 3.44 1.70
C GLY D 30 24.38 2.24 0.77
N GLU D 31 25.45 2.01 0.01
CA GLU D 31 25.59 0.89 -0.97
C GLU D 31 25.45 -0.47 -0.29
N GLN D 32 25.72 -0.58 1.02
CA GLN D 32 25.76 -1.90 1.72
C GLN D 32 24.36 -2.33 2.19
N ALA D 33 23.32 -1.57 1.88
CA ALA D 33 21.91 -1.93 2.20
C ALA D 33 21.03 -1.70 0.97
N TYR D 34 20.13 -2.65 0.66
CA TYR D 34 19.07 -2.51 -0.37
C TYR D 34 17.71 -2.64 0.30
N PRO D 35 16.78 -1.67 0.11
CA PRO D 35 15.43 -1.77 0.67
C PRO D 35 14.54 -2.69 -0.17
N GLU D 36 14.35 -3.93 0.25
CA GLU D 36 13.77 -4.98 -0.63
C GLU D 36 12.24 -5.01 -0.49
N TYR D 37 11.72 -4.81 0.71
CA TYR D 37 10.27 -4.89 1.04
C TYR D 37 9.85 -3.63 1.79
N LEU D 38 8.80 -2.99 1.31
CA LEU D 38 8.14 -1.87 2.02
C LEU D 38 6.88 -2.46 2.64
N ILE D 39 6.79 -2.44 3.96
CA ILE D 39 5.68 -3.03 4.76
C ILE D 39 4.83 -1.89 5.32
N THR D 40 3.55 -1.90 5.00
CA THR D 40 2.54 -0.95 5.54
C THR D 40 1.74 -1.67 6.61
N TYR D 41 1.69 -1.13 7.83
CA TYR D 41 1.08 -1.80 9.01
C TYR D 41 0.46 -0.79 9.96
N GLN D 42 -0.43 -1.29 10.81
CA GLN D 42 -0.83 -0.66 12.09
C GLN D 42 -0.25 -1.50 13.23
N ILE D 43 0.10 -0.87 14.35
CA ILE D 43 0.33 -1.58 15.64
C ILE D 43 -1.06 -1.89 16.19
N MET D 44 -1.24 -2.98 16.94
CA MET D 44 -2.58 -3.36 17.44
C MET D 44 -2.67 -3.18 18.95
N ARG D 45 -3.69 -2.46 19.42
CA ARG D 45 -4.07 -2.33 20.86
C ARG D 45 -4.21 -3.73 21.46
N PRO D 46 -3.49 -4.06 22.55
CA PRO D 46 -3.72 -5.33 23.26
C PRO D 46 -5.12 -5.36 23.88
N GLU D 47 -5.65 -6.58 24.08
CA GLU D 47 -7.05 -6.85 24.50
C GLU D 47 -7.06 -7.64 25.82
C4 I1Q E . -10.18 -3.10 -4.94
C5 I1Q E . -10.33 -1.84 -5.49
C6 I1Q E . -9.66 -0.73 -4.93
C7 I1Q E . -8.84 -0.91 -3.82
C8 I1Q E . -10.99 -0.10 -6.84
C9 I1Q E . -11.89 -1.94 -7.56
N1 I1Q E . -11.71 0.22 -7.89
N2 I1Q E . -12.25 -0.98 -8.36
C3 I1Q E . -9.35 -3.25 -3.84
N3 I1Q E . -11.09 -1.43 -6.59
C1 I1Q E . -7.79 -2.37 -2.06
C2 I1Q E . -8.68 -2.16 -3.26
S1 I1Q E . -10.00 0.80 -5.73
S SO4 F . -0.56 2.97 -6.84
O1 SO4 F . -1.05 1.98 -7.77
O2 SO4 F . 0.25 2.35 -5.84
O3 SO4 F . 0.21 3.98 -7.51
O4 SO4 F . -1.68 3.60 -6.19
S SO4 G . -0.13 8.22 -25.85
O1 SO4 G . 0.31 8.10 -24.49
O2 SO4 G . -1.08 7.17 -26.14
O3 SO4 G . 1.00 8.10 -26.73
O4 SO4 G . -0.77 9.50 -26.02
ZN ZN H . -5.60 -10.33 -24.04
C1 GOL I . 0.34 14.13 0.64
O1 GOL I . 0.98 15.38 0.89
C2 GOL I . 0.94 13.46 -0.58
O2 GOL I . -0.04 12.60 -1.16
C3 GOL I . 1.45 14.46 -1.60
O3 GOL I . 2.74 14.14 -2.09
C4 I1Q J . 17.98 4.48 14.20
C5 I1Q J . 17.64 3.15 14.27
C6 I1Q J . 18.17 2.31 15.29
C7 I1Q J . 19.03 2.85 16.24
C8 I1Q J . 16.69 1.09 13.82
C9 I1Q J . 16.00 2.55 12.36
N1 I1Q J . 15.90 0.46 13.00
N2 I1Q J . 15.45 1.40 12.08
C3 I1Q J . 18.85 4.99 15.16
N3 I1Q J . 16.80 2.40 13.44
C1 I1Q J . 20.33 4.78 17.20
C2 I1Q J . 19.38 4.19 16.17
S1 I1Q J . 17.64 0.64 15.20
S SO4 K . 14.60 -0.80 24.50
O1 SO4 K . 15.59 -1.43 23.67
O2 SO4 K . 13.84 -1.81 25.23
O3 SO4 K . 15.25 0.07 25.41
O4 SO4 K . 13.72 -0.04 23.67
S SO4 L . -3.11 -9.06 21.92
O1 SO4 L . -3.89 -9.45 20.78
O2 SO4 L . -2.20 -10.13 22.26
O3 SO4 L . -2.37 -7.87 21.57
O4 SO4 L . -3.98 -8.79 23.03
ZN ZN M . -2.59 8.77 14.11
#